data_4DM3
#
_entry.id   4DM3
#
_cell.length_a   93.908
_cell.length_b   93.908
_cell.length_c   188.615
_cell.angle_alpha   90.00
_cell.angle_beta   90.00
_cell.angle_gamma   90.00
#
_symmetry.space_group_name_H-M   'P 43 21 2'
#
loop_
_entity.id
_entity.type
_entity.pdbx_description
1 polymer 'Phenylethanolamine N-methyltransferase'
2 non-polymer S-ADENOSYL-L-HOMOCYSTEINE
3 non-polymer RESORCINOL
4 non-polymer IMIDAZOLE
5 water water
#
_entity_poly.entity_id   1
_entity_poly.type   'polypeptide(L)'
_entity_poly.pdbx_seq_one_letter_code
;MSGADRSPNAGAAPDSAPGQAAVASAYQRFEPRAYLRNNYAPPRGDLCNPNGVGPWKLRCLAQTFATGEVSGRTLIDIGS
GPTVYQLLSACSHFEDITMTDFLEVNRQELGRWLQEEPGAFNWSMYSQHACLIEGKGECWQDKERQLRARVKRVLPIDVH
QPQPLGAGSPAPLPADALVSAFCLEAVSPDLASFQRALDHITTLLRPGGHLLLIGALEESWYLAGEARLTVVPVSEEEVR
EALVRSGYKVRDLRTYIMPAHLQTGVDDVKGVFFAWAQKVGLEHHHHHH
;
_entity_poly.pdbx_strand_id   A,B
#
# COMPACT_ATOMS: atom_id res chain seq x y z
N ALA A 24 -2.22 7.54 40.39
CA ALA A 24 -1.95 7.62 38.96
C ALA A 24 -2.05 9.06 38.44
N SER A 25 -1.39 9.99 39.14
CA SER A 25 -1.14 11.33 38.60
C SER A 25 0.20 11.26 37.87
N ALA A 26 0.74 10.06 37.79
CA ALA A 26 1.93 9.80 36.99
C ALA A 26 1.62 10.17 35.54
N TYR A 27 0.36 10.02 35.17
CA TYR A 27 -0.09 10.34 33.80
C TYR A 27 0.00 11.81 33.46
N GLN A 28 0.37 12.65 34.42
CA GLN A 28 0.50 14.08 34.17
C GLN A 28 1.83 14.40 33.46
N ARG A 29 2.80 13.50 33.57
CA ARG A 29 4.09 13.65 32.90
C ARG A 29 4.17 12.89 31.56
N PHE A 30 3.09 12.18 31.22
CA PHE A 30 3.01 11.35 30.02
C PHE A 30 3.23 12.16 28.73
N GLU A 31 4.30 11.88 28.00
CA GLU A 31 4.58 12.59 26.73
C GLU A 31 4.09 11.77 25.51
N PRO A 32 3.05 12.25 24.81
CA PRO A 32 2.53 11.56 23.61
C PRO A 32 3.60 11.14 22.59
N ARG A 33 4.46 12.06 22.17
CA ARG A 33 5.44 11.74 21.15
C ARG A 33 6.37 10.63 21.60
N ALA A 34 6.75 10.65 22.88
CA ALA A 34 7.63 9.62 23.42
C ALA A 34 6.92 8.26 23.38
N TYR A 35 5.63 8.26 23.72
CA TYR A 35 4.86 7.02 23.69
C TYR A 35 4.72 6.43 22.27
N LEU A 36 4.42 7.30 21.30
CA LEU A 36 4.30 6.92 19.89
C LEU A 36 5.64 6.44 19.39
N ARG A 37 6.69 7.16 19.77
CA ARG A 37 8.05 6.71 19.50
C ARG A 37 8.39 5.30 20.04
N ASN A 38 8.09 5.05 21.32
CA ASN A 38 8.44 3.78 21.97
C ASN A 38 7.67 2.58 21.44
N ASN A 39 6.46 2.85 20.92
CA ASN A 39 5.53 1.76 20.61
C ASN A 39 5.11 1.64 19.15
N TYR A 40 5.24 2.73 18.40
CA TYR A 40 4.71 2.76 17.04
C TYR A 40 5.71 3.22 15.99
N ALA A 41 6.97 3.35 16.41
CA ALA A 41 8.11 3.50 15.48
C ALA A 41 8.99 2.23 15.60
N PRO A 42 9.91 2.01 14.64
CA PRO A 42 10.77 0.81 14.72
C PRO A 42 11.44 0.65 16.08
N PRO A 43 11.64 -0.60 16.52
CA PRO A 43 11.28 -1.83 15.80
C PRO A 43 9.80 -2.25 15.97
N ARG A 44 9.18 -1.89 17.08
CA ARG A 44 7.80 -2.33 17.34
C ARG A 44 6.81 -1.81 16.31
N GLY A 45 7.17 -0.73 15.64
CA GLY A 45 6.31 -0.16 14.62
C GLY A 45 6.67 -0.54 13.20
N ASP A 46 7.61 -1.48 13.01
CA ASP A 46 7.86 -1.99 11.65
C ASP A 46 6.81 -3.02 11.30
N LEU A 47 6.09 -2.77 10.22
CA LEU A 47 4.99 -3.63 9.85
C LEU A 47 5.38 -4.60 8.75
N CYS A 48 6.58 -4.44 8.20
CA CYS A 48 7.05 -5.33 7.14
C CYS A 48 7.07 -6.83 7.54
N ASN A 49 7.68 -7.14 8.68
CA ASN A 49 7.70 -8.50 9.24
C ASN A 49 6.34 -8.93 9.80
N PRO A 50 5.76 -10.00 9.22
CA PRO A 50 4.43 -10.49 9.59
C PRO A 50 4.38 -11.03 11.04
N ASN A 51 5.54 -11.30 11.63
CA ASN A 51 5.58 -11.86 12.97
C ASN A 51 5.70 -10.80 14.09
N GLY A 52 5.73 -9.52 13.72
CA GLY A 52 5.77 -8.47 14.72
C GLY A 52 4.44 -8.19 15.42
N VAL A 53 4.46 -7.37 16.46
CA VAL A 53 3.25 -7.09 17.24
C VAL A 53 2.24 -6.19 16.49
N GLY A 54 2.74 -5.25 15.70
CA GLY A 54 1.87 -4.38 14.93
C GLY A 54 0.98 -5.14 13.97
N PRO A 55 1.59 -5.97 13.13
CA PRO A 55 0.79 -6.79 12.21
C PRO A 55 -0.16 -7.74 12.95
N TRP A 56 0.31 -8.37 14.03
CA TRP A 56 -0.55 -9.26 14.81
C TRP A 56 -1.80 -8.52 15.33
N LYS A 57 -1.61 -7.34 15.92
CA LYS A 57 -2.73 -6.52 16.37
C LYS A 57 -3.73 -6.19 15.25
N LEU A 58 -3.23 -5.63 14.14
CA LEU A 58 -4.11 -5.29 13.02
C LEU A 58 -4.91 -6.49 12.52
N ARG A 59 -4.26 -7.66 12.51
CA ARG A 59 -4.89 -8.89 12.04
C ARG A 59 -6.08 -9.26 12.92
N CYS A 60 -5.90 -9.16 14.23
CA CYS A 60 -6.98 -9.49 15.16
C CYS A 60 -8.18 -8.63 14.88
N LEU A 61 -7.93 -7.33 14.73
CA LEU A 61 -9.02 -6.39 14.48
C LEU A 61 -9.70 -6.69 13.13
N ALA A 62 -8.89 -6.86 12.09
CA ALA A 62 -9.42 -7.11 10.75
C ALA A 62 -10.28 -8.36 10.67
N GLN A 63 -9.72 -9.47 11.10
CA GLN A 63 -10.43 -10.74 11.05
C GLN A 63 -11.72 -10.68 11.84
N THR A 64 -11.69 -10.00 12.97
CA THR A 64 -12.89 -9.91 13.79
C THR A 64 -14.02 -9.20 13.05
N PHE A 65 -13.73 -8.04 12.48
CA PHE A 65 -14.76 -7.29 11.74
C PHE A 65 -15.13 -7.99 10.43
N ALA A 66 -14.25 -8.84 9.92
CA ALA A 66 -14.49 -9.46 8.62
C ALA A 66 -15.54 -10.53 8.77
N THR A 67 -15.76 -10.94 10.02
CA THR A 67 -16.81 -11.92 10.33
C THR A 67 -18.21 -11.36 10.03
N GLY A 68 -18.35 -10.04 10.04
CA GLY A 68 -19.65 -9.40 9.95
C GLY A 68 -20.53 -9.47 11.20
N GLU A 69 -20.04 -10.03 12.31
CA GLU A 69 -20.87 -10.13 13.50
C GLU A 69 -20.73 -8.96 14.46
N VAL A 70 -19.85 -8.02 14.13
CA VAL A 70 -19.67 -6.83 14.94
C VAL A 70 -20.05 -5.62 14.09
N SER A 71 -21.17 -5.00 14.43
CA SER A 71 -21.73 -3.99 13.56
C SER A 71 -22.79 -3.21 14.30
N GLY A 72 -23.26 -2.15 13.65
CA GLY A 72 -24.19 -1.24 14.28
C GLY A 72 -23.90 0.17 13.77
N ARG A 73 -24.23 1.16 14.60
CA ARG A 73 -24.16 2.53 14.14
C ARG A 73 -23.08 3.29 14.89
N THR A 74 -22.97 3.03 16.19
CA THR A 74 -22.04 3.80 17.00
C THR A 74 -21.01 2.95 17.74
N LEU A 75 -19.83 3.53 17.88
CA LEU A 75 -18.71 2.85 18.50
C LEU A 75 -17.92 3.83 19.34
N ILE A 76 -17.51 3.39 20.53
CA ILE A 76 -16.63 4.22 21.35
C ILE A 76 -15.28 3.54 21.60
N ASP A 77 -14.21 4.32 21.43
CA ASP A 77 -12.85 3.84 21.70
C ASP A 77 -12.41 4.35 23.06
N ILE A 78 -12.17 3.43 23.99
CA ILE A 78 -11.83 3.75 25.38
C ILE A 78 -10.32 3.89 25.54
N GLY A 79 -9.85 5.07 25.92
CA GLY A 79 -8.43 5.29 26.13
C GLY A 79 -7.59 5.28 24.87
N SER A 80 -8.06 6.01 23.85
CA SER A 80 -7.41 6.12 22.55
C SER A 80 -5.93 6.51 22.64
N GLY A 81 -5.58 7.28 23.66
CA GLY A 81 -4.30 7.94 23.69
C GLY A 81 -4.10 8.74 22.41
N PRO A 82 -2.87 8.76 21.91
CA PRO A 82 -2.63 9.50 20.65
C PRO A 82 -2.62 8.55 19.47
N THR A 83 -3.38 7.46 19.51
CA THR A 83 -3.30 6.49 18.41
C THR A 83 -4.65 6.23 17.72
N VAL A 84 -4.58 5.92 16.42
CA VAL A 84 -5.78 5.67 15.61
C VAL A 84 -5.85 4.26 14.97
N TYR A 85 -4.73 3.53 14.99
CA TYR A 85 -4.60 2.25 14.28
C TYR A 85 -5.69 1.28 14.68
N GLN A 86 -6.14 1.42 15.93
CA GLN A 86 -7.11 0.51 16.49
C GLN A 86 -8.53 0.71 15.93
N LEU A 87 -8.72 1.71 15.09
CA LEU A 87 -10.03 1.91 14.46
C LEU A 87 -10.00 1.76 12.93
N LEU A 88 -8.86 1.35 12.39
CA LEU A 88 -8.68 1.35 10.94
C LEU A 88 -9.64 0.37 10.27
N SER A 89 -9.73 -0.83 10.82
CA SER A 89 -10.65 -1.81 10.31
C SER A 89 -12.05 -1.48 10.81
N ALA A 90 -12.13 -0.96 12.02
CA ALA A 90 -13.42 -0.66 12.65
C ALA A 90 -14.24 0.31 11.80
N CYS A 91 -13.56 1.30 11.22
CA CYS A 91 -14.24 2.48 10.71
C CYS A 91 -15.24 2.24 9.58
N SER A 92 -15.12 1.13 8.86
CA SER A 92 -16.04 0.87 7.76
C SER A 92 -17.28 0.13 8.22
N HIS A 93 -17.41 -0.06 9.54
CA HIS A 93 -18.53 -0.78 10.10
C HIS A 93 -19.37 0.09 11.03
N PHE A 94 -18.97 1.34 11.20
CA PHE A 94 -19.65 2.24 12.14
C PHE A 94 -19.60 3.68 11.67
N GLU A 95 -20.77 4.30 11.54
CA GLU A 95 -20.84 5.63 10.95
C GLU A 95 -20.54 6.72 11.95
N ASP A 96 -20.77 6.43 13.22
CA ASP A 96 -20.50 7.39 14.29
C ASP A 96 -19.49 6.79 15.27
N ILE A 97 -18.34 7.43 15.35
CA ILE A 97 -17.27 6.96 16.18
C ILE A 97 -16.85 8.03 17.18
N THR A 98 -16.75 7.61 18.44
CA THR A 98 -16.27 8.48 19.49
C THR A 98 -14.89 8.00 19.95
N MET A 99 -13.93 8.91 19.98
CA MET A 99 -12.62 8.57 20.51
C MET A 99 -12.47 9.26 21.86
N THR A 100 -11.71 8.66 22.76
CA THR A 100 -11.57 9.21 24.09
C THR A 100 -10.17 9.07 24.68
N ASP A 101 -9.82 10.01 25.55
CA ASP A 101 -8.69 9.84 26.45
C ASP A 101 -8.79 10.72 27.70
N PHE A 102 -8.04 10.33 28.74
CA PHE A 102 -7.99 11.04 30.00
C PHE A 102 -7.17 12.33 29.86
N LEU A 103 -6.09 12.26 29.07
CA LEU A 103 -5.20 13.40 28.89
C LEU A 103 -5.58 14.30 27.74
N GLU A 104 -5.68 15.58 28.04
CA GLU A 104 -5.85 16.63 27.05
C GLU A 104 -4.79 16.57 25.95
N VAL A 105 -3.50 16.48 26.34
CA VAL A 105 -2.40 16.39 25.37
C VAL A 105 -2.64 15.29 24.33
N ASN A 106 -3.17 14.15 24.77
CA ASN A 106 -3.50 13.07 23.83
C ASN A 106 -4.64 13.45 22.92
N ARG A 107 -5.65 14.11 23.46
CA ARG A 107 -6.79 14.54 22.65
C ARG A 107 -6.32 15.54 21.61
N GLN A 108 -5.32 16.33 21.96
CA GLN A 108 -4.76 17.32 21.03
C GLN A 108 -4.01 16.63 19.92
N GLU A 109 -3.23 15.61 20.28
CA GLU A 109 -2.44 14.87 19.31
C GLU A 109 -3.36 14.15 18.32
N LEU A 110 -4.45 13.60 18.82
CA LEU A 110 -5.48 13.00 17.96
C LEU A 110 -6.01 14.02 16.96
N GLY A 111 -6.44 15.17 17.49
CA GLY A 111 -7.00 16.23 16.70
C GLY A 111 -6.05 16.64 15.57
N ARG A 112 -4.76 16.69 15.87
CA ARG A 112 -3.76 17.04 14.85
C ARG A 112 -3.78 16.07 13.66
N TRP A 113 -4.16 14.81 13.89
CA TRP A 113 -4.23 13.85 12.79
C TRP A 113 -5.58 13.87 12.11
N LEU A 114 -6.64 14.01 12.89
CA LEU A 114 -7.98 14.05 12.33
C LEU A 114 -8.19 15.24 11.39
N GLN A 115 -7.51 16.34 11.71
CA GLN A 115 -7.66 17.60 11.00
C GLN A 115 -6.49 17.84 10.06
N GLU A 116 -5.66 16.81 9.88
CA GLU A 116 -4.49 16.90 9.01
C GLU A 116 -3.63 18.13 9.26
N GLU A 117 -3.45 18.47 10.54
CA GLU A 117 -2.68 19.64 10.92
C GLU A 117 -1.20 19.32 10.89
N PRO A 118 -0.34 20.33 11.09
CA PRO A 118 1.11 20.13 10.97
C PRO A 118 1.69 19.33 12.13
N GLY A 119 2.67 18.48 11.83
CA GLY A 119 3.34 17.71 12.86
C GLY A 119 2.47 16.59 13.41
N ALA A 120 1.37 16.30 12.71
CA ALA A 120 0.56 15.14 13.02
C ALA A 120 1.44 13.89 12.90
N PHE A 121 1.12 12.89 13.72
CA PHE A 121 1.81 11.61 13.61
C PHE A 121 1.48 10.98 12.25
N ASN A 122 2.45 10.29 11.67
CA ASN A 122 2.25 9.63 10.38
C ASN A 122 1.83 8.18 10.55
N TRP A 123 0.54 7.92 10.34
CA TRP A 123 -0.02 6.59 10.52
C TRP A 123 -0.11 5.79 9.23
N SER A 124 0.40 6.37 8.15
CA SER A 124 0.16 5.84 6.80
C SER A 124 0.57 4.39 6.64
N MET A 125 1.72 4.01 7.22
CA MET A 125 2.16 2.61 7.17
C MET A 125 1.10 1.65 7.70
N TYR A 126 0.39 2.08 8.73
CA TYR A 126 -0.63 1.26 9.41
C TYR A 126 -1.92 1.18 8.59
N SER A 127 -2.32 2.31 8.01
CA SER A 127 -3.45 2.37 7.08
C SER A 127 -3.22 1.42 5.92
N GLN A 128 -2.01 1.48 5.38
CA GLN A 128 -1.62 0.60 4.29
C GLN A 128 -1.74 -0.85 4.69
N HIS A 129 -1.16 -1.20 5.85
CA HIS A 129 -1.20 -2.59 6.26
C HIS A 129 -2.61 -3.09 6.52
N ALA A 130 -3.46 -2.24 7.07
CA ALA A 130 -4.87 -2.61 7.25
C ALA A 130 -5.53 -2.87 5.90
N CYS A 131 -5.28 -1.98 4.94
CA CYS A 131 -5.79 -2.19 3.58
C CYS A 131 -5.30 -3.53 3.03
N LEU A 132 -4.01 -3.79 3.20
CA LEU A 132 -3.41 -5.07 2.79
C LEU A 132 -4.12 -6.26 3.42
N ILE A 133 -4.17 -6.28 4.74
CA ILE A 133 -4.78 -7.37 5.47
C ILE A 133 -6.25 -7.51 5.08
N GLU A 134 -6.96 -6.40 4.96
CA GLU A 134 -8.39 -6.49 4.73
C GLU A 134 -8.68 -7.11 3.37
N GLY A 135 -7.80 -6.84 2.42
CA GLY A 135 -7.84 -7.50 1.12
C GLY A 135 -9.03 -7.10 0.28
N LYS A 136 -9.50 -5.86 0.42
CA LYS A 136 -10.63 -5.39 -0.38
C LYS A 136 -10.16 -4.52 -1.55
N GLY A 137 -8.85 -4.45 -1.74
CA GLY A 137 -8.31 -3.61 -2.80
C GLY A 137 -8.42 -2.12 -2.52
N GLU A 138 -8.53 -1.75 -1.25
CA GLU A 138 -8.72 -0.33 -0.90
C GLU A 138 -7.40 0.42 -0.75
N CYS A 139 -7.34 1.62 -1.32
CA CYS A 139 -6.18 2.48 -1.16
C CYS A 139 -6.17 3.07 0.23
N TRP A 140 -4.99 3.31 0.77
CA TRP A 140 -4.90 3.66 2.17
C TRP A 140 -5.46 5.06 2.44
N GLN A 141 -5.43 5.92 1.43
CA GLN A 141 -5.98 7.26 1.58
C GLN A 141 -7.50 7.26 1.75
N ASP A 142 -8.17 6.31 1.10
CA ASP A 142 -9.61 6.23 1.24
C ASP A 142 -9.93 5.77 2.65
N LYS A 143 -9.15 4.80 3.10
CA LYS A 143 -9.29 4.26 4.44
C LYS A 143 -9.13 5.40 5.45
N GLU A 144 -8.13 6.25 5.25
CA GLU A 144 -7.85 7.30 6.21
C GLU A 144 -8.97 8.31 6.22
N ARG A 145 -9.41 8.67 5.02
CA ARG A 145 -10.47 9.65 4.84
C ARG A 145 -11.77 9.19 5.50
N GLN A 146 -12.10 7.91 5.38
CA GLN A 146 -13.32 7.38 5.99
C GLN A 146 -13.25 7.40 7.53
N LEU A 147 -12.07 7.10 8.07
CA LEU A 147 -11.90 7.10 9.52
C LEU A 147 -12.05 8.53 10.04
N ARG A 148 -11.40 9.46 9.35
CA ARG A 148 -11.49 10.87 9.69
C ARG A 148 -12.94 11.35 9.61
N ALA A 149 -13.70 10.78 8.67
CA ALA A 149 -15.07 11.21 8.44
C ALA A 149 -16.00 10.70 9.51
N ARG A 150 -15.70 9.50 10.02
CA ARG A 150 -16.61 8.85 10.95
C ARG A 150 -16.29 9.14 12.42
N VAL A 151 -15.10 9.68 12.70
CA VAL A 151 -14.80 10.10 14.06
C VAL A 151 -15.45 11.46 14.28
N LYS A 152 -16.58 11.46 14.97
CA LYS A 152 -17.34 12.69 15.13
C LYS A 152 -16.81 13.55 16.28
N ARG A 153 -16.24 12.92 17.30
CA ARG A 153 -15.82 13.67 18.48
C ARG A 153 -14.70 13.00 19.27
N VAL A 154 -13.83 13.81 19.87
CA VAL A 154 -12.78 13.31 20.75
C VAL A 154 -13.02 13.82 22.17
N LEU A 155 -13.48 12.93 23.05
CA LEU A 155 -13.95 13.30 24.38
C LEU A 155 -13.05 12.87 25.56
N PRO A 156 -13.07 13.67 26.64
CA PRO A 156 -12.45 13.31 27.92
C PRO A 156 -13.10 12.07 28.49
N ILE A 157 -12.40 11.37 29.37
CA ILE A 157 -12.94 10.14 29.94
C ILE A 157 -12.11 9.70 31.13
N ASP A 158 -12.76 9.03 32.07
CA ASP A 158 -12.07 8.43 33.21
C ASP A 158 -12.77 7.14 33.58
N VAL A 159 -12.09 6.03 33.35
CA VAL A 159 -12.69 4.72 33.53
C VAL A 159 -12.88 4.41 35.02
N HIS A 160 -12.22 5.18 35.88
CA HIS A 160 -12.40 5.01 37.31
C HIS A 160 -13.74 5.57 37.77
N GLN A 161 -14.32 6.48 36.99
CA GLN A 161 -15.65 7.00 37.29
C GLN A 161 -16.71 6.03 36.83
N PRO A 162 -17.69 5.77 37.70
CA PRO A 162 -18.89 4.95 37.44
C PRO A 162 -19.52 5.30 36.11
N GLN A 163 -19.51 6.57 35.76
CA GLN A 163 -19.90 6.99 34.43
C GLN A 163 -18.68 7.59 33.76
N PRO A 164 -17.88 6.73 33.10
CA PRO A 164 -16.57 7.12 32.54
C PRO A 164 -16.63 8.38 31.67
N LEU A 165 -17.73 8.57 30.96
CA LEU A 165 -17.91 9.74 30.09
C LEU A 165 -18.50 10.98 30.75
N GLY A 166 -18.83 10.88 32.03
CA GLY A 166 -19.56 11.95 32.69
C GLY A 166 -21.06 11.77 32.47
N ALA A 167 -21.84 12.75 32.86
CA ALA A 167 -23.30 12.62 32.88
C ALA A 167 -24.02 13.02 31.58
N GLY A 168 -23.68 14.18 31.03
CA GLY A 168 -24.42 14.70 29.89
C GLY A 168 -23.66 14.60 28.58
N SER A 169 -23.02 13.45 28.37
CA SER A 169 -22.09 13.25 27.26
C SER A 169 -22.71 13.48 25.88
N PRO A 170 -21.92 14.09 24.98
CA PRO A 170 -22.29 14.26 23.57
C PRO A 170 -22.37 12.91 22.88
N ALA A 171 -21.71 11.91 23.46
CA ALA A 171 -21.65 10.58 22.88
C ALA A 171 -22.99 9.88 22.92
N PRO A 172 -23.43 9.33 21.77
CA PRO A 172 -24.65 8.52 21.72
C PRO A 172 -24.50 7.27 22.57
N LEU A 173 -25.47 7.00 23.43
CA LEU A 173 -25.46 5.80 24.27
C LEU A 173 -26.82 5.12 24.25
N PRO A 174 -26.85 3.81 24.51
CA PRO A 174 -25.62 3.02 24.69
C PRO A 174 -24.99 2.68 23.34
N ALA A 175 -23.67 2.49 23.34
CA ALA A 175 -22.93 2.18 22.12
C ALA A 175 -23.30 0.82 21.54
N ASP A 176 -23.16 0.67 20.23
CA ASP A 176 -23.34 -0.64 19.64
C ASP A 176 -22.10 -1.52 19.83
N ALA A 177 -20.97 -0.86 20.10
CA ALA A 177 -19.69 -1.56 20.23
C ALA A 177 -18.63 -0.72 20.94
N LEU A 178 -17.73 -1.39 21.65
CA LEU A 178 -16.57 -0.74 22.26
C LEU A 178 -15.25 -1.29 21.72
N VAL A 179 -14.25 -0.43 21.67
CA VAL A 179 -12.88 -0.85 21.45
C VAL A 179 -12.05 -0.19 22.54
N SER A 180 -11.09 -0.93 23.09
CA SER A 180 -10.13 -0.34 24.03
C SER A 180 -8.83 -1.09 23.97
N ALA A 181 -7.73 -0.36 23.79
CA ALA A 181 -6.44 -1.00 23.68
C ALA A 181 -5.42 -0.41 24.63
N PHE A 182 -4.90 -1.25 25.51
CA PHE A 182 -3.80 -0.88 26.40
C PHE A 182 -4.18 0.22 27.38
N CYS A 183 -5.46 0.30 27.71
CA CYS A 183 -5.92 1.29 28.69
C CYS A 183 -6.10 0.70 30.10
N LEU A 184 -7.11 -0.16 30.27
CA LEU A 184 -7.50 -0.60 31.60
C LEU A 184 -6.35 -1.06 32.51
N GLU A 185 -5.58 -2.05 32.08
CA GLU A 185 -4.48 -2.57 32.89
C GLU A 185 -3.41 -1.51 33.12
N ALA A 186 -3.32 -0.58 32.19
CA ALA A 186 -2.34 0.50 32.26
C ALA A 186 -2.77 1.67 33.16
N VAL A 187 -4.00 1.63 33.67
CA VAL A 187 -4.50 2.70 34.53
C VAL A 187 -4.97 2.14 35.88
N SER A 188 -4.72 0.85 36.11
CA SER A 188 -5.22 0.17 37.30
C SER A 188 -4.10 -0.38 38.18
N PRO A 189 -4.06 0.05 39.46
CA PRO A 189 -3.05 -0.42 40.42
C PRO A 189 -3.11 -1.94 40.64
N ASP A 190 -4.30 -2.52 40.55
CA ASP A 190 -4.43 -3.94 40.85
C ASP A 190 -5.61 -4.53 40.12
N LEU A 191 -5.73 -5.86 40.22
CA LEU A 191 -6.82 -6.57 39.56
C LEU A 191 -8.18 -6.00 39.85
N ALA A 192 -8.43 -5.62 41.10
CA ALA A 192 -9.77 -5.20 41.50
C ALA A 192 -10.15 -3.92 40.80
N SER A 193 -9.22 -2.99 40.75
CA SER A 193 -9.44 -1.74 40.07
C SER A 193 -9.65 -2.02 38.56
N PHE A 194 -8.91 -3.00 38.05
CA PHE A 194 -9.04 -3.42 36.66
C PHE A 194 -10.47 -3.86 36.43
N GLN A 195 -10.96 -4.73 37.31
CA GLN A 195 -12.32 -5.27 37.24
C GLN A 195 -13.37 -4.16 37.29
N ARG A 196 -13.21 -3.25 38.26
CA ARG A 196 -14.16 -2.16 38.37
C ARG A 196 -14.19 -1.31 37.09
N ALA A 197 -13.02 -0.93 36.59
CA ALA A 197 -12.95 -0.13 35.36
C ALA A 197 -13.61 -0.84 34.18
N LEU A 198 -13.44 -2.15 34.12
CA LEU A 198 -14.17 -2.94 33.13
C LEU A 198 -15.68 -2.81 33.34
N ASP A 199 -16.12 -2.91 34.61
CA ASP A 199 -17.52 -2.68 34.93
C ASP A 199 -17.97 -1.30 34.43
N HIS A 200 -17.18 -0.28 34.72
CA HIS A 200 -17.54 1.06 34.31
C HIS A 200 -17.71 1.19 32.80
N ILE A 201 -16.70 0.83 32.01
CA ILE A 201 -16.85 1.01 30.57
C ILE A 201 -17.99 0.15 30.07
N THR A 202 -18.27 -0.95 30.75
CA THR A 202 -19.29 -1.87 30.26
C THR A 202 -20.68 -1.25 30.28
N THR A 203 -20.93 -0.33 31.21
CA THR A 203 -22.24 0.32 31.31
C THR A 203 -22.53 1.16 30.07
N LEU A 204 -21.45 1.56 29.40
CA LEU A 204 -21.49 2.34 28.16
C LEU A 204 -21.91 1.51 26.97
N LEU A 205 -21.95 0.19 27.13
CA LEU A 205 -22.22 -0.70 26.01
C LEU A 205 -23.63 -1.27 26.09
N ARG A 206 -24.36 -1.15 24.97
CA ARG A 206 -25.69 -1.70 24.82
C ARG A 206 -25.65 -3.20 25.01
N PRO A 207 -26.69 -3.76 25.63
CA PRO A 207 -26.77 -5.22 25.78
C PRO A 207 -26.71 -5.89 24.42
N GLY A 208 -26.03 -7.02 24.33
CA GLY A 208 -25.83 -7.68 23.04
C GLY A 208 -24.73 -7.00 22.23
N GLY A 209 -24.13 -5.96 22.82
CA GLY A 209 -23.09 -5.22 22.15
C GLY A 209 -21.76 -5.95 22.14
N HIS A 210 -20.81 -5.43 21.37
CA HIS A 210 -19.50 -6.07 21.28
C HIS A 210 -18.39 -5.24 21.86
N LEU A 211 -17.44 -5.91 22.49
CA LEU A 211 -16.23 -5.27 22.97
C LEU A 211 -14.97 -5.94 22.40
N LEU A 212 -14.09 -5.12 21.83
CA LEU A 212 -12.76 -5.57 21.43
C LEU A 212 -11.75 -4.96 22.38
N LEU A 213 -11.15 -5.79 23.20
CA LEU A 213 -10.21 -5.33 24.22
C LEU A 213 -8.83 -5.88 23.89
N ILE A 214 -7.84 -4.99 23.72
CA ILE A 214 -6.45 -5.34 23.51
C ILE A 214 -5.64 -4.82 24.69
N GLY A 215 -4.65 -5.58 25.13
CA GLY A 215 -3.91 -5.18 26.32
C GLY A 215 -2.61 -5.93 26.55
N ALA A 216 -1.80 -5.39 27.45
CA ALA A 216 -0.51 -5.96 27.81
C ALA A 216 -0.66 -7.12 28.78
N LEU A 217 0.12 -8.18 28.57
CA LEU A 217 0.12 -9.35 29.42
C LEU A 217 1.34 -9.37 30.33
N GLU A 218 1.09 -9.52 31.64
CA GLU A 218 2.16 -9.61 32.63
C GLU A 218 3.10 -8.42 32.58
N GLU A 219 2.56 -7.24 32.36
CA GLU A 219 3.36 -6.03 32.37
C GLU A 219 3.19 -5.27 33.69
N SER A 220 4.26 -4.66 34.19
CA SER A 220 4.17 -3.91 35.43
C SER A 220 4.55 -2.42 35.32
N TRP A 221 5.28 -2.05 34.28
CA TRP A 221 5.57 -0.65 34.02
C TRP A 221 5.83 -0.41 32.53
N TYR A 222 5.61 0.82 32.07
CA TYR A 222 6.15 1.27 30.80
C TYR A 222 6.44 2.76 30.89
N LEU A 223 7.28 3.24 29.97
CA LEU A 223 7.74 4.62 30.00
C LEU A 223 7.11 5.50 28.90
N ALA A 224 6.92 6.77 29.22
CA ALA A 224 6.44 7.73 28.24
C ALA A 224 7.13 9.07 28.41
N GLY A 225 8.40 9.13 28.04
CA GLY A 225 9.19 10.33 28.26
C GLY A 225 9.54 10.40 29.74
N GLU A 226 9.19 11.51 30.37
CA GLU A 226 9.47 11.71 31.79
C GLU A 226 8.58 10.82 32.65
N ALA A 227 7.51 10.30 32.07
CA ALA A 227 6.57 9.50 32.86
C ALA A 227 6.95 8.02 32.90
N ARG A 228 6.94 7.48 34.12
CA ARG A 228 7.01 6.04 34.33
C ARG A 228 5.68 5.63 34.94
N LEU A 229 4.96 4.76 34.23
CA LEU A 229 3.63 4.36 34.67
C LEU A 229 3.65 2.98 35.29
N THR A 230 2.79 2.79 36.28
CA THR A 230 2.64 1.50 36.90
C THR A 230 1.50 0.78 36.18
N VAL A 231 1.67 -0.51 35.98
CA VAL A 231 0.71 -1.32 35.28
C VAL A 231 0.38 -2.53 36.14
N VAL A 232 -0.87 -2.98 36.11
CA VAL A 232 -1.20 -4.23 36.78
C VAL A 232 -0.92 -5.41 35.86
N PRO A 233 -0.03 -6.31 36.29
CA PRO A 233 0.31 -7.45 35.45
C PRO A 233 -0.83 -8.45 35.43
N VAL A 234 -1.38 -8.71 34.24
CA VAL A 234 -2.52 -9.63 34.14
C VAL A 234 -2.21 -10.79 33.21
N SER A 235 -2.88 -11.91 33.47
CA SER A 235 -2.73 -13.11 32.64
C SER A 235 -3.94 -13.24 31.76
N GLU A 236 -3.84 -14.12 30.76
CA GLU A 236 -4.96 -14.42 29.89
C GLU A 236 -6.17 -14.96 30.64
N GLU A 237 -5.94 -15.89 31.58
CA GLU A 237 -7.02 -16.40 32.43
C GLU A 237 -7.70 -15.27 33.18
N GLU A 238 -6.91 -14.35 33.71
CA GLU A 238 -7.46 -13.27 34.52
C GLU A 238 -8.28 -12.32 33.66
N VAL A 239 -7.81 -12.09 32.44
CA VAL A 239 -8.58 -11.28 31.51
C VAL A 239 -9.90 -12.00 31.21
N ARG A 240 -9.83 -13.29 30.89
CA ARG A 240 -11.04 -14.05 30.64
C ARG A 240 -12.06 -13.89 31.77
N GLU A 241 -11.61 -14.15 32.99
CA GLU A 241 -12.48 -14.13 34.17
C GLU A 241 -13.05 -12.76 34.42
N ALA A 242 -12.29 -11.72 34.11
CA ALA A 242 -12.78 -10.36 34.32
C ALA A 242 -13.95 -10.05 33.38
N LEU A 243 -13.82 -10.48 32.13
CA LEU A 243 -14.87 -10.29 31.14
C LEU A 243 -16.13 -11.02 31.56
N VAL A 244 -15.96 -12.26 31.99
CA VAL A 244 -17.08 -13.05 32.48
C VAL A 244 -17.77 -12.35 33.64
N ARG A 245 -16.97 -11.90 34.60
CA ARG A 245 -17.49 -11.23 35.78
C ARG A 245 -18.28 -9.98 35.42
N SER A 246 -17.94 -9.40 34.28
CA SER A 246 -18.62 -8.17 33.85
C SER A 246 -19.87 -8.46 33.02
N GLY A 247 -20.15 -9.74 32.76
CA GLY A 247 -21.36 -10.12 32.07
C GLY A 247 -21.19 -10.28 30.57
N TYR A 248 -19.95 -10.55 30.16
CA TYR A 248 -19.62 -10.74 28.76
C TYR A 248 -19.60 -12.21 28.46
N LYS A 249 -19.97 -12.58 27.24
CA LYS A 249 -19.61 -13.90 26.74
C LYS A 249 -18.33 -13.73 25.92
N VAL A 250 -17.30 -14.51 26.25
CA VAL A 250 -16.03 -14.43 25.56
C VAL A 250 -16.05 -15.26 24.30
N ARG A 251 -16.06 -14.59 23.15
CA ARG A 251 -16.12 -15.27 21.86
C ARG A 251 -14.74 -15.53 21.25
N ASP A 252 -13.75 -14.79 21.72
CA ASP A 252 -12.38 -15.02 21.25
C ASP A 252 -11.38 -14.36 22.18
N LEU A 253 -10.33 -15.10 22.50
CA LEU A 253 -9.27 -14.59 23.36
C LEU A 253 -7.98 -15.24 22.90
N ARG A 254 -7.08 -14.42 22.38
CA ARG A 254 -5.87 -14.88 21.68
C ARG A 254 -4.65 -14.21 22.30
N THR A 255 -3.50 -14.88 22.25
CA THR A 255 -2.29 -14.33 22.82
C THR A 255 -1.11 -14.22 21.84
N TYR A 256 -0.44 -13.09 21.90
CA TYR A 256 0.79 -12.85 21.16
C TYR A 256 1.92 -12.80 22.18
N ILE A 257 2.89 -13.68 22.02
CA ILE A 257 4.04 -13.68 22.89
C ILE A 257 5.11 -12.73 22.33
N MET A 258 5.59 -11.80 23.17
CA MET A 258 6.52 -10.75 22.72
C MET A 258 7.93 -11.30 22.40
N PRO A 259 8.31 -11.29 21.12
CA PRO A 259 9.65 -11.87 20.91
C PRO A 259 10.74 -10.98 21.50
N ALA A 260 11.91 -11.59 21.70
CA ALA A 260 13.05 -10.93 22.32
C ALA A 260 13.46 -9.63 21.64
N HIS A 261 13.45 -9.61 20.30
CA HIS A 261 13.91 -8.43 19.57
C HIS A 261 12.96 -7.25 19.73
N LEU A 262 11.80 -7.47 20.33
CA LEU A 262 10.84 -6.39 20.54
C LEU A 262 10.74 -6.06 22.03
N GLN A 263 11.71 -6.57 22.79
CA GLN A 263 11.88 -6.20 24.19
C GLN A 263 12.93 -5.12 24.26
N THR A 264 12.50 -3.87 24.38
CA THR A 264 13.32 -2.74 23.97
C THR A 264 13.83 -1.83 25.07
N GLY A 265 13.36 -2.03 26.29
CA GLY A 265 13.68 -1.07 27.34
C GLY A 265 12.56 -0.10 27.67
N VAL A 266 11.45 -0.12 26.92
CA VAL A 266 10.38 0.86 27.17
C VAL A 266 9.33 0.34 28.15
N ASP A 267 9.42 -0.94 28.49
CA ASP A 267 8.47 -1.58 29.36
C ASP A 267 8.96 -2.98 29.71
N ASP A 268 8.14 -3.75 30.42
CA ASP A 268 8.46 -5.13 30.64
C ASP A 268 7.31 -6.06 30.20
N VAL A 269 6.61 -5.66 29.14
CA VAL A 269 5.47 -6.44 28.63
C VAL A 269 5.93 -7.85 28.26
N LYS A 270 5.12 -8.86 28.55
CA LYS A 270 5.53 -10.23 28.19
C LYS A 270 4.85 -10.70 26.92
N GLY A 271 3.61 -10.25 26.73
CA GLY A 271 2.77 -10.67 25.64
C GLY A 271 1.63 -9.67 25.46
N VAL A 272 0.85 -9.87 24.43
CA VAL A 272 -0.30 -9.00 24.19
C VAL A 272 -1.49 -9.91 24.05
N PHE A 273 -2.63 -9.49 24.57
CA PHE A 273 -3.85 -10.27 24.41
C PHE A 273 -4.86 -9.55 23.54
N PHE A 274 -5.61 -10.33 22.76
CA PHE A 274 -6.76 -9.79 22.07
C PHE A 274 -8.01 -10.54 22.51
N ALA A 275 -9.01 -9.80 22.99
CA ALA A 275 -10.28 -10.40 23.37
C ALA A 275 -11.46 -9.81 22.59
N TRP A 276 -12.27 -10.71 22.02
CA TRP A 276 -13.56 -10.33 21.47
C TRP A 276 -14.66 -10.81 22.42
N ALA A 277 -15.38 -9.87 23.02
CA ALA A 277 -16.39 -10.19 24.02
C ALA A 277 -17.74 -9.59 23.66
N GLN A 278 -18.81 -10.30 23.98
CA GLN A 278 -20.17 -9.80 23.77
C GLN A 278 -20.96 -9.71 25.08
N LYS A 279 -21.50 -8.52 25.37
CA LYS A 279 -22.41 -8.29 26.50
C LYS A 279 -23.70 -9.10 26.32
N VAL A 280 -24.12 -9.80 27.37
CA VAL A 280 -25.26 -10.70 27.23
C VAL A 280 -26.61 -9.97 27.25
N PRO B 14 10.55 2.33 -49.30
CA PRO B 14 11.81 3.08 -49.39
C PRO B 14 12.74 2.86 -48.19
N ASP B 15 13.03 3.90 -47.44
CA ASP B 15 13.96 3.78 -46.31
C ASP B 15 13.36 4.22 -44.98
N SER B 16 14.01 3.80 -43.90
CA SER B 16 13.50 4.07 -42.56
C SER B 16 14.21 5.25 -41.88
N ALA B 17 15.38 5.63 -42.40
CA ALA B 17 16.14 6.70 -41.77
C ALA B 17 15.36 8.01 -41.55
N PRO B 18 14.64 8.49 -42.57
CA PRO B 18 14.03 9.81 -42.35
C PRO B 18 13.14 9.84 -41.10
N GLY B 19 12.12 9.00 -41.06
CA GLY B 19 11.20 8.99 -39.93
C GLY B 19 11.91 8.71 -38.61
N GLN B 20 12.82 7.74 -38.65
CA GLN B 20 13.59 7.40 -37.46
C GLN B 20 14.39 8.60 -36.97
N ALA B 21 14.83 9.44 -37.90
CA ALA B 21 15.67 10.57 -37.54
C ALA B 21 14.82 11.67 -36.88
N ALA B 22 13.61 11.85 -37.41
CA ALA B 22 12.66 12.80 -36.84
C ALA B 22 12.35 12.41 -35.40
N VAL B 23 12.22 11.11 -35.17
CA VAL B 23 11.88 10.58 -33.86
C VAL B 23 12.99 10.88 -32.87
N ALA B 24 14.22 10.50 -33.23
CA ALA B 24 15.39 10.75 -32.40
C ALA B 24 15.55 12.23 -32.06
N SER B 25 15.35 13.07 -33.08
CA SER B 25 15.40 14.51 -32.95
C SER B 25 14.36 15.00 -31.95
N ALA B 26 13.12 14.56 -32.12
CA ALA B 26 12.06 14.98 -31.22
C ALA B 26 12.34 14.57 -29.76
N TYR B 27 12.98 13.43 -29.56
CA TYR B 27 13.23 12.94 -28.19
C TYR B 27 14.33 13.69 -27.48
N GLN B 28 15.19 14.38 -28.24
CA GLN B 28 16.20 15.25 -27.63
C GLN B 28 15.55 16.26 -26.67
N ARG B 29 14.28 16.59 -26.89
CA ARG B 29 13.55 17.55 -26.06
C ARG B 29 12.73 16.89 -24.94
N PHE B 30 12.67 15.56 -24.95
CA PHE B 30 11.87 14.81 -23.98
C PHE B 30 12.28 15.14 -22.54
N GLU B 31 11.31 15.55 -21.72
CA GLU B 31 11.57 15.92 -20.32
C GLU B 31 10.98 14.92 -19.33
N PRO B 32 11.85 14.14 -18.68
CA PRO B 32 11.43 13.04 -17.78
C PRO B 32 10.44 13.48 -16.69
N ARG B 33 10.75 14.55 -15.99
CA ARG B 33 9.87 15.07 -14.94
C ARG B 33 8.50 15.45 -15.46
N ALA B 34 8.46 16.12 -16.60
CA ALA B 34 7.18 16.54 -17.14
C ALA B 34 6.36 15.31 -17.50
N TYR B 35 7.02 14.35 -18.14
CA TYR B 35 6.38 13.08 -18.52
C TYR B 35 5.86 12.30 -17.31
N LEU B 36 6.67 12.25 -16.24
CA LEU B 36 6.22 11.65 -14.97
C LEU B 36 4.98 12.35 -14.42
N ARG B 37 5.03 13.68 -14.37
CA ARG B 37 3.90 14.48 -13.92
C ARG B 37 2.66 14.19 -14.79
N ASN B 38 2.85 14.23 -16.11
CA ASN B 38 1.75 14.02 -17.04
C ASN B 38 1.03 12.68 -16.92
N ASN B 39 1.78 11.62 -16.64
CA ASN B 39 1.22 10.27 -16.68
C ASN B 39 1.20 9.50 -15.34
N TYR B 40 2.08 9.87 -14.41
CA TYR B 40 2.17 9.11 -13.17
C TYR B 40 1.85 9.88 -11.88
N ALA B 41 1.76 11.21 -11.95
CA ALA B 41 1.09 11.98 -10.91
C ALA B 41 -0.42 12.01 -11.19
N PRO B 42 -1.25 12.36 -10.19
CA PRO B 42 -2.70 12.38 -10.41
C PRO B 42 -3.09 13.42 -11.46
N PRO B 43 -4.28 13.30 -12.07
CA PRO B 43 -5.32 12.29 -11.88
C PRO B 43 -5.00 10.92 -12.50
N ARG B 44 -4.11 10.88 -13.49
CA ARG B 44 -3.79 9.62 -14.16
C ARG B 44 -3.06 8.66 -13.25
N GLY B 45 -2.23 9.22 -12.37
CA GLY B 45 -1.53 8.41 -11.38
C GLY B 45 -2.30 8.21 -10.10
N ASP B 46 -3.62 8.42 -10.14
CA ASP B 46 -4.43 8.24 -8.94
C ASP B 46 -4.74 6.77 -8.81
N LEU B 47 -4.24 6.14 -7.74
CA LEU B 47 -4.45 4.71 -7.63
C LEU B 47 -5.66 4.35 -6.78
N CYS B 48 -6.31 5.34 -6.20
CA CYS B 48 -7.50 5.06 -5.39
C CYS B 48 -8.72 4.68 -6.24
N ASN B 49 -8.89 5.37 -7.36
CA ASN B 49 -9.94 5.05 -8.32
C ASN B 49 -9.65 3.72 -9.04
N PRO B 50 -10.38 2.66 -8.68
CA PRO B 50 -10.15 1.32 -9.24
C PRO B 50 -10.48 1.27 -10.73
N ASN B 51 -11.17 2.28 -11.22
CA ASN B 51 -11.48 2.35 -12.64
C ASN B 51 -10.45 3.17 -13.43
N GLY B 52 -9.46 3.70 -12.73
CA GLY B 52 -8.42 4.50 -13.37
C GLY B 52 -7.45 3.67 -14.20
N VAL B 53 -6.62 4.34 -14.97
CA VAL B 53 -5.72 3.63 -15.86
C VAL B 53 -4.55 2.97 -15.11
N GLY B 54 -4.05 3.64 -14.08
CA GLY B 54 -2.96 3.11 -13.30
C GLY B 54 -3.30 1.78 -12.67
N PRO B 55 -4.43 1.72 -11.95
CA PRO B 55 -4.84 0.45 -11.34
C PRO B 55 -5.01 -0.67 -12.38
N TRP B 56 -5.60 -0.36 -13.52
CA TRP B 56 -5.80 -1.33 -14.61
C TRP B 56 -4.48 -1.89 -15.14
N LYS B 57 -3.52 -1.00 -15.38
CA LYS B 57 -2.19 -1.42 -15.84
C LYS B 57 -1.54 -2.39 -14.85
N LEU B 58 -1.47 -1.97 -13.58
CA LEU B 58 -0.92 -2.79 -12.51
C LEU B 58 -1.62 -4.14 -12.42
N ARG B 59 -2.94 -4.12 -12.57
CA ARG B 59 -3.76 -5.31 -12.46
C ARG B 59 -3.48 -6.31 -13.60
N CYS B 60 -3.32 -5.79 -14.82
CA CYS B 60 -2.96 -6.64 -15.95
C CYS B 60 -1.64 -7.37 -15.70
N LEU B 61 -0.70 -6.66 -15.12
CA LEU B 61 0.59 -7.23 -14.85
C LEU B 61 0.50 -8.26 -13.71
N ALA B 62 -0.16 -7.89 -12.63
CA ALA B 62 -0.26 -8.77 -11.45
C ALA B 62 -0.93 -10.09 -11.82
N GLN B 63 -2.09 -10.00 -12.46
CA GLN B 63 -2.82 -11.20 -12.89
C GLN B 63 -2.02 -12.09 -13.83
N THR B 64 -1.25 -11.48 -14.73
CA THR B 64 -0.52 -12.30 -15.68
C THR B 64 0.56 -13.07 -14.93
N PHE B 65 1.27 -12.39 -14.05
CA PHE B 65 2.35 -13.04 -13.33
C PHE B 65 1.79 -14.06 -12.35
N ALA B 66 0.56 -13.84 -11.92
CA ALA B 66 -0.08 -14.69 -10.93
C ALA B 66 -0.49 -16.06 -11.50
N THR B 67 -0.49 -16.19 -12.83
CA THR B 67 -0.75 -17.51 -13.41
C THR B 67 0.40 -18.46 -13.12
N GLY B 68 1.59 -17.91 -12.87
CA GLY B 68 2.80 -18.70 -12.73
C GLY B 68 3.36 -19.15 -14.07
N GLU B 69 2.69 -18.76 -15.15
CA GLU B 69 3.13 -19.15 -16.48
C GLU B 69 4.26 -18.31 -17.07
N VAL B 70 4.59 -17.21 -16.40
CA VAL B 70 5.65 -16.37 -16.92
C VAL B 70 6.78 -16.30 -15.92
N SER B 71 7.82 -17.08 -16.18
CA SER B 71 8.96 -17.12 -15.27
C SER B 71 10.23 -17.44 -16.02
N GLY B 72 11.33 -17.44 -15.27
CA GLY B 72 12.64 -17.68 -15.84
C GLY B 72 13.67 -16.98 -14.99
N ARG B 73 14.86 -16.82 -15.54
CA ARG B 73 15.91 -16.16 -14.83
C ARG B 73 16.01 -14.72 -15.28
N THR B 74 15.87 -14.50 -16.59
CA THR B 74 16.14 -13.16 -17.13
C THR B 74 14.97 -12.42 -17.80
N LEU B 75 14.91 -11.13 -17.50
CA LEU B 75 13.84 -10.33 -18.03
C LEU B 75 14.44 -9.06 -18.61
N ILE B 76 13.94 -8.64 -19.77
CA ILE B 76 14.35 -7.35 -20.32
C ILE B 76 13.15 -6.42 -20.44
N ASP B 77 13.26 -5.22 -19.86
CA ASP B 77 12.24 -4.18 -20.01
C ASP B 77 12.69 -3.24 -21.12
N ILE B 78 11.86 -3.15 -22.16
CA ILE B 78 12.18 -2.45 -23.40
C ILE B 78 11.59 -1.05 -23.36
N GLY B 79 12.44 -0.04 -23.40
CA GLY B 79 11.98 1.34 -23.38
C GLY B 79 11.44 1.77 -22.02
N SER B 80 12.23 1.54 -20.95
CA SER B 80 11.74 1.77 -19.60
C SER B 80 11.39 3.23 -19.37
N GLY B 81 12.09 4.12 -20.05
CA GLY B 81 11.89 5.53 -19.80
C GLY B 81 12.28 5.81 -18.36
N PRO B 82 11.57 6.72 -17.70
CA PRO B 82 11.94 7.01 -16.32
C PRO B 82 11.03 6.24 -15.33
N THR B 83 10.40 5.15 -15.76
CA THR B 83 9.39 4.48 -14.91
C THR B 83 9.76 3.06 -14.51
N VAL B 84 9.23 2.60 -13.36
CA VAL B 84 9.55 1.27 -12.85
C VAL B 84 8.30 0.47 -12.53
N TYR B 85 7.15 1.13 -12.50
CA TYR B 85 5.91 0.44 -12.11
C TYR B 85 5.73 -0.84 -12.94
N GLN B 86 6.19 -0.81 -14.19
CA GLN B 86 5.97 -1.92 -15.11
C GLN B 86 6.71 -3.19 -14.65
N LEU B 87 7.54 -3.06 -13.64
CA LEU B 87 8.34 -4.18 -13.14
C LEU B 87 7.94 -4.62 -11.71
N LEU B 88 6.99 -3.94 -11.10
CA LEU B 88 6.65 -4.22 -9.70
C LEU B 88 6.21 -5.66 -9.46
N SER B 89 5.31 -6.17 -10.29
CA SER B 89 4.85 -7.53 -10.15
C SER B 89 5.84 -8.51 -10.79
N ALA B 90 6.60 -8.03 -11.75
CA ALA B 90 7.53 -8.89 -12.46
C ALA B 90 8.68 -9.35 -11.56
N CYS B 91 9.10 -8.47 -10.66
CA CYS B 91 10.40 -8.64 -10.05
C CYS B 91 10.48 -9.85 -9.11
N SER B 92 9.34 -10.34 -8.62
CA SER B 92 9.34 -11.58 -7.85
C SER B 92 9.49 -12.85 -8.71
N HIS B 93 9.48 -12.72 -10.03
CA HIS B 93 9.52 -13.89 -10.89
C HIS B 93 10.79 -13.99 -11.72
N PHE B 94 11.64 -12.97 -11.65
CA PHE B 94 12.90 -13.00 -12.38
C PHE B 94 14.01 -12.50 -11.47
N GLU B 95 15.15 -13.19 -11.48
CA GLU B 95 16.25 -12.74 -10.64
C GLU B 95 17.21 -11.80 -11.35
N ASP B 96 17.19 -11.80 -12.67
CA ASP B 96 18.02 -10.87 -13.43
C ASP B 96 17.18 -9.99 -14.35
N ILE B 97 17.19 -8.70 -14.06
CA ILE B 97 16.37 -7.77 -14.81
C ILE B 97 17.21 -6.71 -15.49
N THR B 98 17.00 -6.56 -16.78
CA THR B 98 17.61 -5.51 -17.56
C THR B 98 16.60 -4.41 -17.86
N MET B 99 16.93 -3.17 -17.49
CA MET B 99 16.14 -2.01 -17.87
C MET B 99 16.87 -1.26 -18.98
N THR B 100 16.14 -0.59 -19.84
CA THR B 100 16.77 -0.01 -21.03
C THR B 100 16.08 1.28 -21.40
N ASP B 101 16.83 2.21 -21.98
CA ASP B 101 16.21 3.35 -22.66
C ASP B 101 17.13 4.06 -23.64
N PHE B 102 16.51 4.70 -24.60
CA PHE B 102 17.19 5.49 -25.63
C PHE B 102 17.90 6.69 -25.02
N LEU B 103 17.26 7.33 -24.06
CA LEU B 103 17.69 8.62 -23.55
C LEU B 103 18.48 8.53 -22.24
N GLU B 104 19.71 9.04 -22.28
CA GLU B 104 20.53 9.13 -21.10
C GLU B 104 19.80 9.74 -19.92
N VAL B 105 19.01 10.77 -20.15
CA VAL B 105 18.37 11.46 -19.04
C VAL B 105 17.38 10.55 -18.32
N ASN B 106 16.75 9.65 -19.06
CA ASN B 106 15.84 8.68 -18.46
C ASN B 106 16.66 7.65 -17.67
N ARG B 107 17.77 7.22 -18.24
CA ARG B 107 18.61 6.25 -17.58
C ARG B 107 19.13 6.79 -16.25
N GLN B 108 19.36 8.11 -16.17
CA GLN B 108 19.79 8.77 -14.94
C GLN B 108 18.66 8.86 -13.92
N GLU B 109 17.47 9.11 -14.42
CA GLU B 109 16.29 9.14 -13.58
C GLU B 109 16.21 7.80 -12.83
N LEU B 110 16.30 6.72 -13.60
CA LEU B 110 16.35 5.37 -13.04
C LEU B 110 17.51 5.17 -12.05
N GLY B 111 18.68 5.68 -12.42
CA GLY B 111 19.82 5.70 -11.52
C GLY B 111 19.45 6.34 -10.19
N ARG B 112 18.65 7.40 -10.23
CA ARG B 112 18.29 8.13 -9.01
C ARG B 112 17.40 7.26 -8.14
N TRP B 113 16.54 6.49 -8.77
CA TRP B 113 15.65 5.67 -8.00
C TRP B 113 16.40 4.48 -7.41
N LEU B 114 17.31 3.91 -8.20
CA LEU B 114 18.10 2.78 -7.75
C LEU B 114 18.97 3.11 -6.52
N GLN B 115 19.47 4.33 -6.44
CA GLN B 115 20.27 4.74 -5.29
C GLN B 115 19.39 5.18 -4.13
N GLU B 116 18.08 5.14 -4.31
CA GLU B 116 17.13 5.62 -3.31
C GLU B 116 17.29 7.09 -2.97
N GLU B 117 17.71 7.90 -3.93
CA GLU B 117 17.91 9.31 -3.63
C GLU B 117 16.57 9.98 -3.38
N PRO B 118 16.57 10.98 -2.50
CA PRO B 118 15.34 11.73 -2.17
C PRO B 118 14.88 12.52 -3.41
N GLY B 119 15.86 13.00 -4.19
CA GLY B 119 15.54 13.70 -5.42
C GLY B 119 14.90 12.80 -6.46
N ALA B 120 14.66 11.54 -6.12
CA ALA B 120 14.11 10.59 -7.07
C ALA B 120 12.60 10.67 -7.12
N PHE B 121 12.02 10.22 -8.24
CA PHE B 121 10.58 10.11 -8.30
C PHE B 121 10.12 9.06 -7.29
N ASN B 122 9.03 9.37 -6.62
CA ASN B 122 8.49 8.51 -5.61
C ASN B 122 7.43 7.53 -6.14
N TRP B 123 7.81 6.26 -6.23
CA TRP B 123 6.93 5.21 -6.75
C TRP B 123 6.14 4.45 -5.69
N SER B 124 6.24 4.88 -4.43
CA SER B 124 5.73 4.08 -3.31
C SER B 124 4.21 3.79 -3.32
N MET B 125 3.41 4.72 -3.85
CA MET B 125 1.97 4.47 -4.05
C MET B 125 1.79 3.28 -5.02
N TYR B 126 2.59 3.27 -6.08
CA TYR B 126 2.58 2.20 -7.06
C TYR B 126 3.07 0.89 -6.42
N SER B 127 4.15 0.97 -5.64
CA SER B 127 4.67 -0.19 -4.93
C SER B 127 3.60 -0.76 -3.99
N GLN B 128 3.03 0.11 -3.17
CA GLN B 128 1.96 -0.27 -2.26
C GLN B 128 0.81 -0.90 -3.01
N HIS B 129 0.36 -0.22 -4.05
CA HIS B 129 -0.80 -0.73 -4.80
C HIS B 129 -0.53 -2.12 -5.35
N ALA B 130 0.69 -2.33 -5.87
CA ALA B 130 1.08 -3.66 -6.38
C ALA B 130 1.04 -4.71 -5.27
N CYS B 131 1.55 -4.34 -4.10
CA CYS B 131 1.46 -5.23 -2.94
C CYS B 131 -0.01 -5.58 -2.65
N LEU B 132 -0.87 -4.58 -2.72
CA LEU B 132 -2.30 -4.73 -2.41
C LEU B 132 -3.00 -5.76 -3.30
N ILE B 133 -2.74 -5.70 -4.60
CA ILE B 133 -3.46 -6.58 -5.51
C ILE B 133 -2.78 -7.93 -5.70
N GLU B 134 -1.48 -8.02 -5.38
CA GLU B 134 -0.81 -9.32 -5.41
C GLU B 134 -1.31 -10.22 -4.26
N GLY B 135 -1.85 -9.61 -3.22
CA GLY B 135 -2.52 -10.32 -2.14
C GLY B 135 -1.67 -11.25 -1.29
N LYS B 136 -0.38 -10.95 -1.13
CA LYS B 136 0.54 -11.80 -0.37
C LYS B 136 0.98 -11.17 0.95
N GLY B 137 0.37 -10.03 1.28
CA GLY B 137 0.72 -9.29 2.47
C GLY B 137 2.11 -8.68 2.48
N GLU B 138 2.72 -8.50 1.31
CA GLU B 138 4.04 -7.90 1.24
C GLU B 138 3.96 -6.39 1.53
N CYS B 139 4.92 -5.87 2.29
CA CYS B 139 5.00 -4.44 2.49
C CYS B 139 5.72 -3.84 1.30
N TRP B 140 5.45 -2.58 1.00
CA TRP B 140 5.99 -1.99 -0.22
C TRP B 140 7.49 -1.76 -0.17
N GLN B 141 8.03 -1.61 1.04
CA GLN B 141 9.47 -1.42 1.19
C GLN B 141 10.20 -2.70 0.78
N ASP B 142 9.57 -3.86 1.00
CA ASP B 142 10.20 -5.11 0.59
C ASP B 142 10.14 -5.30 -0.93
N LYS B 143 8.99 -4.98 -1.52
CA LYS B 143 8.83 -5.04 -2.98
C LYS B 143 9.93 -4.15 -3.61
N GLU B 144 10.10 -2.93 -3.08
CA GLU B 144 11.06 -1.99 -3.65
C GLU B 144 12.48 -2.50 -3.51
N ARG B 145 12.75 -3.11 -2.36
CA ARG B 145 14.08 -3.59 -2.06
C ARG B 145 14.45 -4.68 -3.07
N GLN B 146 13.48 -5.56 -3.36
CA GLN B 146 13.69 -6.64 -4.31
C GLN B 146 13.83 -6.14 -5.75
N LEU B 147 13.04 -5.15 -6.15
CA LEU B 147 13.16 -4.62 -7.50
C LEU B 147 14.56 -4.04 -7.66
N ARG B 148 14.96 -3.24 -6.68
CA ARG B 148 16.31 -2.65 -6.70
C ARG B 148 17.46 -3.68 -6.77
N ALA B 149 17.26 -4.84 -6.13
CA ALA B 149 18.29 -5.87 -6.07
C ALA B 149 18.34 -6.65 -7.37
N ARG B 150 17.20 -6.75 -8.03
CA ARG B 150 17.07 -7.59 -9.21
C ARG B 150 17.34 -6.84 -10.53
N VAL B 151 17.35 -5.51 -10.49
CA VAL B 151 17.78 -4.75 -11.66
C VAL B 151 19.32 -4.78 -11.77
N LYS B 152 19.82 -5.54 -12.73
CA LYS B 152 21.26 -5.81 -12.85
C LYS B 152 22.01 -4.84 -13.76
N ARG B 153 21.26 -4.00 -14.47
CA ARG B 153 21.85 -3.09 -15.45
C ARG B 153 20.78 -2.22 -16.11
N VAL B 154 21.18 -1.01 -16.50
CA VAL B 154 20.35 -0.09 -17.24
C VAL B 154 21.09 0.32 -18.53
N LEU B 155 20.55 -0.10 -19.67
CA LEU B 155 21.29 -0.05 -20.94
C LEU B 155 20.66 0.86 -21.97
N PRO B 156 21.50 1.50 -22.78
CA PRO B 156 20.95 2.24 -23.93
C PRO B 156 20.26 1.24 -24.83
N ILE B 157 19.23 1.67 -25.53
CA ILE B 157 18.57 0.81 -26.51
C ILE B 157 18.00 1.63 -27.68
N ASP B 158 17.97 1.03 -28.86
CA ASP B 158 17.30 1.63 -30.01
C ASP B 158 16.59 0.49 -30.76
N VAL B 159 15.26 0.50 -30.70
CA VAL B 159 14.49 -0.59 -31.24
C VAL B 159 14.45 -0.59 -32.76
N HIS B 160 14.97 0.46 -33.39
CA HIS B 160 14.99 0.53 -34.84
C HIS B 160 16.20 -0.22 -35.38
N GLN B 161 17.21 -0.44 -34.54
CA GLN B 161 18.35 -1.27 -34.92
C GLN B 161 17.99 -2.75 -34.92
N PRO B 162 18.55 -3.50 -35.87
CA PRO B 162 18.31 -4.95 -35.92
C PRO B 162 18.79 -5.62 -34.65
N GLN B 163 19.87 -5.11 -34.07
CA GLN B 163 20.27 -5.49 -32.72
C GLN B 163 20.05 -4.29 -31.81
N PRO B 164 18.88 -4.27 -31.15
CA PRO B 164 18.45 -3.08 -30.41
C PRO B 164 19.36 -2.70 -29.26
N LEU B 165 20.02 -3.69 -28.67
CA LEU B 165 20.98 -3.46 -27.58
C LEU B 165 22.42 -3.28 -28.07
N GLY B 166 22.64 -3.49 -29.38
CA GLY B 166 23.97 -3.35 -29.96
C GLY B 166 24.60 -4.72 -30.09
N ALA B 167 25.83 -4.77 -30.59
CA ALA B 167 26.53 -6.04 -30.71
C ALA B 167 27.31 -6.36 -29.43
N GLY B 168 27.41 -7.64 -29.11
CA GLY B 168 28.13 -8.05 -27.92
C GLY B 168 27.55 -7.41 -26.67
N SER B 169 26.23 -7.47 -26.58
CA SER B 169 25.53 -6.83 -25.47
C SER B 169 25.93 -7.43 -24.14
N PRO B 170 25.85 -6.61 -23.09
CA PRO B 170 26.03 -7.07 -21.71
C PRO B 170 24.89 -7.98 -21.34
N ALA B 171 23.72 -7.71 -21.89
CA ALA B 171 22.52 -8.39 -21.44
C ALA B 171 22.60 -9.90 -21.66
N PRO B 172 22.18 -10.66 -20.66
CA PRO B 172 22.02 -12.10 -20.84
C PRO B 172 21.04 -12.32 -21.98
N LEU B 173 21.50 -12.99 -23.04
CA LEU B 173 20.62 -13.25 -24.18
C LEU B 173 20.67 -14.70 -24.58
N PRO B 174 19.53 -15.24 -25.07
CA PRO B 174 18.27 -14.49 -25.16
C PRO B 174 17.55 -14.52 -23.82
N ALA B 175 16.73 -13.51 -23.57
CA ALA B 175 16.02 -13.39 -22.30
C ALA B 175 14.88 -14.40 -22.20
N ASP B 176 14.42 -14.66 -20.98
CA ASP B 176 13.25 -15.52 -20.78
C ASP B 176 11.94 -14.77 -21.00
N ALA B 177 11.97 -13.46 -20.85
CA ALA B 177 10.77 -12.66 -20.98
C ALA B 177 11.09 -11.21 -21.32
N LEU B 178 10.11 -10.55 -21.92
CA LEU B 178 10.19 -9.13 -22.24
C LEU B 178 9.01 -8.41 -21.66
N VAL B 179 9.28 -7.23 -21.14
CA VAL B 179 8.26 -6.25 -20.80
C VAL B 179 8.51 -5.00 -21.65
N SER B 180 7.44 -4.38 -22.12
CA SER B 180 7.58 -3.11 -22.82
C SER B 180 6.30 -2.32 -22.74
N ALA B 181 6.37 -1.13 -22.17
CA ALA B 181 5.17 -0.33 -21.98
C ALA B 181 5.31 1.03 -22.66
N PHE B 182 4.39 1.32 -23.58
CA PHE B 182 4.33 2.64 -24.23
C PHE B 182 5.63 3.05 -24.92
N CYS B 183 6.30 2.08 -25.51
CA CYS B 183 7.51 2.38 -26.26
C CYS B 183 7.29 2.32 -27.76
N LEU B 184 7.02 1.12 -28.29
CA LEU B 184 7.03 0.91 -29.75
C LEU B 184 6.24 1.96 -30.54
N GLU B 185 4.97 2.15 -30.19
CA GLU B 185 4.10 3.08 -30.92
C GLU B 185 4.52 4.54 -30.68
N ALA B 186 5.21 4.77 -29.58
CA ALA B 186 5.62 6.13 -29.24
C ALA B 186 6.89 6.54 -29.95
N VAL B 187 7.55 5.60 -30.65
CA VAL B 187 8.80 5.90 -31.33
C VAL B 187 8.83 5.46 -32.79
N SER B 188 7.72 4.93 -33.28
CA SER B 188 7.61 4.45 -34.66
C SER B 188 6.78 5.43 -35.52
N PRO B 189 7.40 6.06 -36.53
CA PRO B 189 6.63 7.03 -37.31
C PRO B 189 5.41 6.39 -38.01
N ASP B 190 5.50 5.12 -38.37
CA ASP B 190 4.37 4.45 -39.04
C ASP B 190 4.24 3.01 -38.58
N LEU B 191 3.21 2.33 -39.08
CA LEU B 191 2.92 0.95 -38.68
C LEU B 191 3.97 -0.06 -39.14
N ALA B 192 4.54 0.18 -40.31
CA ALA B 192 5.59 -0.70 -40.81
C ALA B 192 6.84 -0.63 -39.93
N SER B 193 7.10 0.58 -39.43
CA SER B 193 8.21 0.86 -38.53
C SER B 193 7.96 0.17 -37.19
N PHE B 194 6.73 0.31 -36.71
CA PHE B 194 6.26 -0.39 -35.53
C PHE B 194 6.52 -1.90 -35.66
N GLN B 195 6.07 -2.49 -36.77
CA GLN B 195 6.27 -3.92 -37.02
C GLN B 195 7.75 -4.30 -36.96
N ARG B 196 8.59 -3.56 -37.68
CA ARG B 196 10.01 -3.84 -37.66
C ARG B 196 10.61 -3.75 -36.26
N ALA B 197 10.15 -2.76 -35.49
CA ALA B 197 10.60 -2.62 -34.10
C ALA B 197 10.26 -3.88 -33.28
N LEU B 198 9.01 -4.33 -33.39
CA LEU B 198 8.58 -5.57 -32.75
C LEU B 198 9.46 -6.74 -33.21
N ASP B 199 9.74 -6.83 -34.51
CA ASP B 199 10.64 -7.86 -35.02
C ASP B 199 12.01 -7.77 -34.36
N HIS B 200 12.51 -6.55 -34.20
CA HIS B 200 13.83 -6.38 -33.61
C HIS B 200 13.88 -6.86 -32.16
N ILE B 201 12.96 -6.38 -31.33
CA ILE B 201 12.99 -6.78 -29.93
C ILE B 201 12.72 -8.25 -29.76
N THR B 202 12.04 -8.85 -30.75
CA THR B 202 11.71 -10.27 -30.68
C THR B 202 12.95 -11.17 -30.77
N THR B 203 14.01 -10.65 -31.37
CA THR B 203 15.28 -11.39 -31.45
C THR B 203 15.97 -11.53 -30.10
N LEU B 204 15.50 -10.80 -29.08
CA LEU B 204 16.11 -10.84 -27.75
C LEU B 204 15.45 -11.86 -26.85
N LEU B 205 14.31 -12.38 -27.29
CA LEU B 205 13.51 -13.28 -26.47
C LEU B 205 13.71 -14.70 -26.96
N ARG B 206 13.88 -15.63 -26.04
CA ARG B 206 14.02 -17.02 -26.44
C ARG B 206 12.68 -17.50 -26.93
N PRO B 207 12.70 -18.53 -27.80
CA PRO B 207 11.50 -19.24 -28.25
C PRO B 207 10.76 -19.83 -27.05
N GLY B 208 9.44 -19.67 -26.98
CA GLY B 208 8.68 -20.14 -25.84
C GLY B 208 8.66 -19.13 -24.71
N GLY B 209 9.40 -18.05 -24.89
CA GLY B 209 9.44 -16.95 -23.94
C GLY B 209 8.23 -16.03 -24.11
N HIS B 210 8.04 -15.13 -23.16
CA HIS B 210 6.85 -14.28 -23.12
C HIS B 210 7.15 -12.79 -23.24
N LEU B 211 6.23 -12.09 -23.89
CA LEU B 211 6.27 -10.65 -24.02
C LEU B 211 5.02 -10.05 -23.41
N LEU B 212 5.20 -9.09 -22.49
CA LEU B 212 4.08 -8.34 -21.96
C LEU B 212 4.17 -6.95 -22.57
N LEU B 213 3.22 -6.64 -23.45
CA LEU B 213 3.22 -5.39 -24.16
C LEU B 213 2.02 -4.55 -23.74
N ILE B 214 2.29 -3.34 -23.23
CA ILE B 214 1.25 -2.37 -22.94
C ILE B 214 1.46 -1.17 -23.86
N GLY B 215 0.38 -0.57 -24.35
CA GLY B 215 0.56 0.59 -25.21
C GLY B 215 -0.67 1.46 -25.42
N ALA B 216 -0.42 2.63 -25.99
CA ALA B 216 -1.45 3.59 -26.36
C ALA B 216 -2.25 3.12 -27.56
N LEU B 217 -3.58 3.25 -27.50
CA LEU B 217 -4.45 2.98 -28.65
C LEU B 217 -4.94 4.25 -29.33
N GLU B 218 -4.77 4.29 -30.64
CA GLU B 218 -5.19 5.42 -31.49
C GLU B 218 -4.64 6.73 -30.97
N GLU B 219 -3.36 6.74 -30.63
CA GLU B 219 -2.71 7.98 -30.23
C GLU B 219 -1.85 8.53 -31.36
N SER B 220 -1.85 9.84 -31.52
CA SER B 220 -1.03 10.48 -32.57
C SER B 220 0.01 11.45 -32.00
N TRP B 221 -0.23 11.93 -30.78
CA TRP B 221 0.74 12.81 -30.11
C TRP B 221 0.63 12.71 -28.57
N TYR B 222 1.76 12.95 -27.89
CA TYR B 222 1.75 13.19 -26.45
C TYR B 222 2.81 14.21 -26.09
N LEU B 223 2.64 14.86 -24.94
CA LEU B 223 3.55 15.91 -24.50
C LEU B 223 4.52 15.43 -23.42
N ALA B 224 5.76 15.87 -23.50
CA ALA B 224 6.75 15.58 -22.48
C ALA B 224 7.53 16.84 -22.15
N GLY B 225 6.83 17.90 -21.74
CA GLY B 225 7.45 19.19 -21.51
C GLY B 225 7.40 20.07 -22.75
N GLU B 226 8.58 20.44 -23.27
CA GLU B 226 8.69 21.19 -24.53
C GLU B 226 8.35 20.26 -25.68
N ALA B 227 8.86 19.04 -25.57
CA ALA B 227 8.65 17.99 -26.57
C ALA B 227 7.18 17.58 -26.72
N ARG B 228 6.66 17.80 -27.93
CA ARG B 228 5.43 17.19 -28.40
C ARG B 228 5.85 16.11 -29.39
N LEU B 229 5.43 14.86 -29.13
CA LEU B 229 5.93 13.73 -29.89
C LEU B 229 4.90 13.11 -30.81
N THR B 230 5.36 12.67 -31.97
CA THR B 230 4.49 12.06 -32.95
C THR B 230 4.41 10.57 -32.77
N VAL B 231 3.21 10.09 -32.53
CA VAL B 231 2.95 8.69 -32.29
C VAL B 231 2.18 8.14 -33.49
N VAL B 232 2.51 6.94 -33.96
CA VAL B 232 1.61 6.22 -34.85
C VAL B 232 0.40 5.73 -34.06
N PRO B 233 -0.82 6.10 -34.49
CA PRO B 233 -2.01 5.58 -33.80
C PRO B 233 -2.28 4.14 -34.22
N VAL B 234 -2.43 3.22 -33.27
CA VAL B 234 -2.67 1.83 -33.61
C VAL B 234 -3.95 1.32 -33.00
N SER B 235 -4.54 0.31 -33.63
CA SER B 235 -5.76 -0.30 -33.12
C SER B 235 -5.37 -1.61 -32.46
N GLU B 236 -6.31 -2.15 -31.69
CA GLU B 236 -6.08 -3.45 -31.09
C GLU B 236 -5.79 -4.45 -32.19
N GLU B 237 -6.54 -4.40 -33.27
CA GLU B 237 -6.42 -5.42 -34.31
C GLU B 237 -5.05 -5.35 -35.00
N GLU B 238 -4.57 -4.12 -35.19
CA GLU B 238 -3.24 -3.90 -35.75
C GLU B 238 -2.17 -4.45 -34.78
N VAL B 239 -2.42 -4.31 -33.49
CA VAL B 239 -1.50 -4.85 -32.50
C VAL B 239 -1.49 -6.39 -32.56
N ARG B 240 -2.66 -6.99 -32.63
CA ARG B 240 -2.73 -8.45 -32.71
C ARG B 240 -1.95 -8.97 -33.93
N GLU B 241 -2.20 -8.36 -35.09
CA GLU B 241 -1.64 -8.85 -36.34
C GLU B 241 -0.12 -8.73 -36.33
N ALA B 242 0.39 -7.66 -35.74
CA ALA B 242 1.85 -7.47 -35.67
C ALA B 242 2.49 -8.55 -34.82
N LEU B 243 1.81 -8.93 -33.74
CA LEU B 243 2.31 -9.98 -32.85
C LEU B 243 2.36 -11.33 -33.57
N VAL B 244 1.27 -11.69 -34.21
CA VAL B 244 1.24 -12.87 -35.09
C VAL B 244 2.38 -12.77 -36.13
N ARG B 245 2.50 -11.62 -36.78
CA ARG B 245 3.53 -11.38 -37.79
C ARG B 245 4.92 -11.57 -37.24
N SER B 246 5.09 -11.40 -35.92
CA SER B 246 6.42 -11.52 -35.35
C SER B 246 6.72 -12.92 -34.84
N GLY B 247 5.74 -13.80 -34.92
CA GLY B 247 5.93 -15.17 -34.46
C GLY B 247 5.48 -15.44 -33.03
N TYR B 248 4.46 -14.72 -32.58
CA TYR B 248 3.90 -15.00 -31.25
C TYR B 248 2.55 -15.69 -31.38
N LYS B 249 2.20 -16.46 -30.37
CA LYS B 249 0.80 -16.74 -30.12
C LYS B 249 0.33 -15.70 -29.09
N VAL B 250 -0.80 -15.08 -29.39
CA VAL B 250 -1.37 -14.08 -28.49
C VAL B 250 -2.21 -14.79 -27.44
N ARG B 251 -1.85 -14.64 -26.17
CA ARG B 251 -2.54 -15.38 -25.12
C ARG B 251 -3.61 -14.50 -24.46
N ASP B 252 -3.42 -13.19 -24.56
CA ASP B 252 -4.34 -12.25 -23.95
C ASP B 252 -4.14 -10.89 -24.61
N LEU B 253 -5.24 -10.21 -24.88
CA LEU B 253 -5.19 -8.87 -25.44
C LEU B 253 -6.42 -8.10 -24.98
N ARG B 254 -6.25 -7.25 -23.98
CA ARG B 254 -7.37 -6.52 -23.44
C ARG B 254 -7.21 -5.02 -23.66
N THR B 255 -8.33 -4.31 -23.60
CA THR B 255 -8.37 -2.90 -23.91
C THR B 255 -9.00 -2.12 -22.78
N TYR B 256 -8.39 -1.00 -22.46
CA TYR B 256 -8.96 -0.06 -21.52
C TYR B 256 -9.33 1.20 -22.32
N ILE B 257 -10.55 1.66 -22.14
CA ILE B 257 -10.99 2.85 -22.82
C ILE B 257 -10.76 4.02 -21.91
N MET B 258 -9.91 4.95 -22.32
CA MET B 258 -9.60 6.12 -21.51
C MET B 258 -10.85 6.95 -21.22
N PRO B 259 -11.24 7.05 -19.93
CA PRO B 259 -12.42 7.87 -19.62
C PRO B 259 -12.19 9.36 -19.91
N ALA B 260 -13.25 10.07 -20.25
CA ALA B 260 -13.13 11.48 -20.62
C ALA B 260 -12.41 12.29 -19.56
N HIS B 261 -12.75 12.05 -18.30
CA HIS B 261 -12.13 12.78 -17.20
C HIS B 261 -10.62 12.59 -17.11
N LEU B 262 -10.10 11.55 -17.74
CA LEU B 262 -8.65 11.37 -17.74
C LEU B 262 -8.05 11.84 -19.05
N GLN B 263 -8.87 12.45 -19.90
CA GLN B 263 -8.33 13.01 -21.13
C GLN B 263 -7.94 14.47 -20.90
N THR B 264 -6.66 14.67 -20.58
CA THR B 264 -6.17 15.91 -19.97
C THR B 264 -5.46 16.88 -20.91
N GLY B 265 -5.34 16.53 -22.19
CA GLY B 265 -4.60 17.38 -23.12
C GLY B 265 -3.10 17.14 -23.05
N VAL B 266 -2.71 16.05 -22.42
CA VAL B 266 -1.31 15.63 -22.41
C VAL B 266 -1.08 14.71 -23.61
N ASP B 267 -2.18 14.26 -24.22
CA ASP B 267 -2.12 13.41 -25.40
C ASP B 267 -3.52 13.27 -26.01
N ASP B 268 -3.62 12.59 -27.15
CA ASP B 268 -4.94 12.30 -27.72
C ASP B 268 -5.23 10.79 -27.64
N VAL B 269 -4.76 10.15 -26.57
CA VAL B 269 -4.95 8.71 -26.38
C VAL B 269 -6.41 8.34 -26.21
N LYS B 270 -6.86 7.32 -26.93
CA LYS B 270 -8.26 6.89 -26.84
C LYS B 270 -8.42 5.70 -25.89
N GLY B 271 -7.32 4.97 -25.70
CA GLY B 271 -7.31 3.78 -24.88
C GLY B 271 -5.92 3.21 -24.72
N VAL B 272 -5.83 2.11 -23.99
CA VAL B 272 -4.57 1.45 -23.70
C VAL B 272 -4.78 -0.04 -23.91
N PHE B 273 -3.80 -0.70 -24.50
CA PHE B 273 -3.91 -2.13 -24.72
C PHE B 273 -2.92 -2.87 -23.84
N PHE B 274 -3.27 -4.13 -23.55
CA PHE B 274 -2.35 -5.02 -22.88
C PHE B 274 -2.33 -6.36 -23.60
N ALA B 275 -1.14 -6.74 -24.06
CA ALA B 275 -0.96 -8.02 -24.72
C ALA B 275 -0.06 -8.92 -23.89
N TRP B 276 -0.50 -10.16 -23.71
CA TRP B 276 0.36 -11.25 -23.26
C TRP B 276 0.61 -12.15 -24.49
N ALA B 277 1.85 -12.20 -24.94
CA ALA B 277 2.17 -12.99 -26.12
C ALA B 277 3.33 -13.91 -25.82
N GLN B 278 3.29 -15.09 -26.43
CA GLN B 278 4.34 -16.06 -26.22
C GLN B 278 5.01 -16.33 -27.54
N LYS B 279 6.33 -16.16 -27.60
CA LYS B 279 7.05 -16.41 -28.85
C LYS B 279 6.98 -17.89 -29.24
N VAL B 280 6.53 -18.13 -30.45
CA VAL B 280 6.45 -19.48 -31.00
C VAL B 280 7.84 -20.13 -31.01
N GLY B 281 7.87 -21.41 -30.62
CA GLY B 281 9.10 -22.18 -30.63
C GLY B 281 9.16 -23.16 -29.46
#